data_6P80
#
_entry.id   6P80
#
_cell.length_a   76.184
_cell.length_b   76.184
_cell.length_c   100.498
_cell.angle_alpha   90.00
_cell.angle_beta   90.00
_cell.angle_gamma   120.00
#
_symmetry.space_group_name_H-M   'P 32 2 1'
#
loop_
_entity.id
_entity.type
_entity.pdbx_description
1 polymer 'E. coli MS115-1 NucC'
2 non-polymer "ADENOSINE-5'-TRIPHOSPHATE"
3 non-polymer 'MAGNESIUM ION'
4 non-polymer 'CHLORIDE ION'
5 non-polymer (4S)-2-METHYL-2,4-PENTANEDIOL
6 water water
#
_entity_poly.entity_id   1
_entity_poly.type   'polypeptide(L)'
_entity_poly.pdbx_seq_one_letter_code
;MSTEHVDHKTIARFAEDKVNLPKVKADDFREQAKRLQNKLEGYLSDHPDFSLKRMIPSGSLAKGTALRSLNDIDVAVYIS
GSDAPQDLRGLLDYLADRLRKAFPNFSPDQVKPQTYSVTVSFRGSGLDVDIVPVLYSGLPDWRGHLISQEDGSFLETSIP
LHLDFIKARKRAAPKHFAQVVRLAKYWARLMKQERPNFRFKSFMIELILAKLLDNGVDFSNYPEALQAFFSYLVSTELRE
RIVFEDNYPASKIGTLSDLVQIIDPVNPVNNVARLYTQSNVDAIIDAAMDAGDAIDAAFYAPTKQLTVTYWQKVFGSSFQ
G
;
_entity_poly.pdbx_strand_id   A
#
loop_
_chem_comp.id
_chem_comp.type
_chem_comp.name
_chem_comp.formula
ATP non-polymer ADENOSINE-5'-TRIPHOSPHATE 'C10 H16 N5 O13 P3'
CL non-polymer 'CHLORIDE ION' 'Cl -1'
MG non-polymer 'MAGNESIUM ION' 'Mg 2'
MPD non-polymer (4S)-2-METHYL-2,4-PENTANEDIOL 'C6 H14 O2'
#
# COMPACT_ATOMS: atom_id res chain seq x y z
N GLU A 4 -30.73 6.12 -4.97
CA GLU A 4 -31.84 6.57 -4.14
C GLU A 4 -31.57 6.24 -2.68
N HIS A 5 -31.82 4.99 -2.29
CA HIS A 5 -31.60 4.60 -0.89
C HIS A 5 -30.13 4.74 -0.51
N VAL A 6 -29.23 4.17 -1.32
CA VAL A 6 -27.80 4.36 -1.14
C VAL A 6 -27.20 4.74 -2.49
N ASP A 7 -26.55 5.90 -2.54
CA ASP A 7 -25.93 6.34 -3.77
C ASP A 7 -24.49 6.80 -3.52
N HIS A 8 -23.90 7.43 -4.52
CA HIS A 8 -22.51 7.85 -4.40
C HIS A 8 -22.30 8.68 -3.14
N LYS A 9 -23.20 9.63 -2.88
CA LYS A 9 -23.00 10.52 -1.74
C LYS A 9 -23.04 9.73 -0.43
N THR A 10 -23.92 8.73 -0.35
CA THR A 10 -23.95 7.88 0.83
C THR A 10 -22.58 7.23 1.06
N ILE A 11 -22.00 6.69 -0.01
CA ILE A 11 -20.71 6.00 0.10
C ILE A 11 -19.60 6.98 0.45
N ALA A 12 -19.63 8.18 -0.14
CA ALA A 12 -18.62 9.18 0.17
C ALA A 12 -18.71 9.60 1.63
N ARG A 13 -19.93 9.77 2.15
CA ARG A 13 -20.09 10.14 3.55
C ARG A 13 -19.63 9.01 4.48
N PHE A 14 -19.95 7.77 4.13
CA PHE A 14 -19.45 6.62 4.90
C PHE A 14 -17.92 6.61 4.91
N ALA A 15 -17.31 6.85 3.74
CA ALA A 15 -15.85 6.83 3.70
C ALA A 15 -15.27 7.89 4.61
N GLU A 16 -15.81 9.12 4.55
CA GLU A 16 -15.30 10.18 5.42
C GLU A 16 -15.50 9.82 6.90
N ASP A 17 -16.65 9.21 7.22
CA ASP A 17 -17.02 8.96 8.61
C ASP A 17 -16.21 7.82 9.21
N LYS A 18 -16.05 6.71 8.47
CA LYS A 18 -15.57 5.46 9.04
C LYS A 18 -14.29 4.94 8.41
N VAL A 19 -14.03 5.26 7.14
CA VAL A 19 -12.95 4.58 6.41
C VAL A 19 -11.64 5.37 6.47
N ASN A 20 -11.72 6.64 6.08
CA ASN A 20 -10.52 7.45 5.89
C ASN A 20 -9.84 7.82 7.20
N LEU A 21 -8.52 7.89 7.17
CA LEU A 21 -7.76 8.53 8.25
C LEU A 21 -8.08 10.02 8.24
N PRO A 22 -8.55 10.62 9.33
CA PRO A 22 -8.85 12.04 9.32
C PRO A 22 -7.60 12.85 8.99
N LYS A 23 -7.80 13.96 8.29
CA LYS A 23 -6.65 14.74 7.84
C LYS A 23 -5.82 15.25 9.00
N VAL A 24 -6.48 15.63 10.10
CA VAL A 24 -5.72 16.13 11.25
C VAL A 24 -4.75 15.06 11.77
N LYS A 25 -5.20 13.80 11.81
CA LYS A 25 -4.31 12.73 12.26
C LYS A 25 -3.23 12.41 11.21
N ALA A 26 -3.60 12.40 9.93
CA ALA A 26 -2.61 12.16 8.89
C ALA A 26 -1.50 13.20 8.96
N ASP A 27 -1.85 14.46 9.22
CA ASP A 27 -0.82 15.49 9.31
C ASP A 27 0.08 15.27 10.51
N ASP A 28 -0.50 14.88 11.65
CA ASP A 28 0.31 14.60 12.84
C ASP A 28 1.31 13.49 12.55
N PHE A 29 0.86 12.42 11.89
CA PHE A 29 1.74 11.30 11.64
C PHE A 29 2.82 11.66 10.62
N ARG A 30 2.48 12.42 9.58
CA ARG A 30 3.49 12.83 8.61
CA ARG A 30 3.49 12.83 8.61
C ARG A 30 4.54 13.73 9.26
N GLU A 31 4.12 14.59 10.20
CA GLU A 31 5.08 15.44 10.91
C GLU A 31 5.99 14.59 11.80
N GLN A 32 5.44 13.52 12.38
CA GLN A 32 6.25 12.55 13.11
C GLN A 32 7.37 12.00 12.24
N ALA A 33 7.03 11.53 11.04
CA ALA A 33 8.04 10.96 10.17
C ALA A 33 9.04 12.03 9.74
N LYS A 34 8.56 13.25 9.52
CA LYS A 34 9.46 14.32 9.09
C LYS A 34 10.48 14.67 10.16
N ARG A 35 10.08 14.63 11.43
CA ARG A 35 11.05 14.90 12.50
C ARG A 35 12.16 13.86 12.52
N LEU A 36 11.81 12.57 12.31
CA LEU A 36 12.85 11.55 12.19
C LEU A 36 13.72 11.80 10.97
N GLN A 37 13.07 12.12 9.84
CA GLN A 37 13.80 12.43 8.63
C GLN A 37 14.81 13.55 8.88
N ASN A 38 14.36 14.62 9.56
CA ASN A 38 15.24 15.76 9.80
C ASN A 38 16.38 15.41 10.74
N LYS A 39 16.10 14.55 11.73
CA LYS A 39 17.16 14.13 12.66
C LYS A 39 18.23 13.34 11.92
N LEU A 40 17.82 12.45 11.00
CA LEU A 40 18.81 11.69 10.24
C LEU A 40 19.60 12.60 9.30
N GLU A 41 18.90 13.53 8.64
CA GLU A 41 19.60 14.44 7.73
C GLU A 41 20.62 15.27 8.48
N GLY A 42 20.27 15.72 9.69
CA GLY A 42 21.23 16.51 10.47
C GLY A 42 22.40 15.69 10.95
N TYR A 43 22.14 14.43 11.33
CA TYR A 43 23.24 13.56 11.75
C TYR A 43 24.16 13.27 10.58
N LEU A 44 23.59 12.96 9.41
CA LEU A 44 24.40 12.67 8.24
C LEU A 44 25.18 13.89 7.78
N SER A 45 24.61 15.09 7.93
CA SER A 45 25.35 16.31 7.60
C SER A 45 26.60 16.43 8.45
N ASP A 46 26.52 16.04 9.73
CA ASP A 46 27.69 16.11 10.59
C ASP A 46 28.63 14.92 10.37
N HIS A 47 28.09 13.77 9.95
CA HIS A 47 28.86 12.54 9.78
C HIS A 47 28.69 12.03 8.35
N PRO A 48 29.45 12.58 7.40
CA PRO A 48 29.19 12.21 5.99
C PRO A 48 29.45 10.76 5.67
N ASP A 49 30.20 10.04 6.51
CA ASP A 49 30.52 8.65 6.26
C ASP A 49 29.41 7.70 6.72
N PHE A 50 28.39 8.23 7.38
CA PHE A 50 27.36 7.41 7.98
C PHE A 50 26.60 6.66 6.89
N SER A 51 26.26 5.38 7.18
CA SER A 51 25.76 4.49 6.14
C SER A 51 24.29 4.66 5.86
N LEU A 52 23.52 5.33 6.73
CA LEU A 52 22.11 5.59 6.45
C LEU A 52 22.04 6.91 5.69
N LYS A 53 21.63 6.85 4.41
CA LYS A 53 21.79 7.97 3.51
C LYS A 53 20.51 8.76 3.29
N ARG A 54 19.34 8.15 3.53
CA ARG A 54 18.07 8.80 3.21
C ARG A 54 16.94 8.01 3.86
N MET A 55 15.92 8.74 4.30
CA MET A 55 14.66 8.17 4.77
C MET A 55 13.53 8.71 3.91
N ILE A 56 12.70 7.82 3.35
CA ILE A 56 11.61 8.23 2.49
C ILE A 56 10.31 7.60 3.01
N PRO A 57 9.33 8.39 3.39
CA PRO A 57 7.99 7.83 3.69
C PRO A 57 7.44 7.12 2.47
N SER A 58 6.99 5.88 2.67
CA SER A 58 6.76 4.99 1.54
C SER A 58 5.39 4.36 1.47
N GLY A 59 4.54 4.53 2.48
CA GLY A 59 3.32 3.77 2.62
C GLY A 59 2.08 4.59 2.36
N SER A 60 0.97 4.12 2.93
CA SER A 60 -0.32 4.75 2.66
C SER A 60 -0.35 6.20 3.11
N LEU A 61 0.39 6.55 4.17
CA LEU A 61 0.39 7.93 4.62
C LEU A 61 1.02 8.83 3.57
N ALA A 62 2.12 8.36 2.98
CA ALA A 62 2.76 9.14 1.91
C ALA A 62 1.89 9.27 0.68
N LYS A 63 1.13 8.21 0.35
CA LYS A 63 0.28 8.19 -0.83
C LYS A 63 -1.08 8.87 -0.62
N GLY A 64 -1.46 9.17 0.61
CA GLY A 64 -2.80 9.70 0.85
C GLY A 64 -3.90 8.66 0.84
N THR A 65 -3.58 7.41 1.17
CA THR A 65 -4.53 6.30 1.12
C THR A 65 -4.66 5.60 2.46
N ALA A 66 -4.36 6.29 3.56
CA ALA A 66 -4.39 5.68 4.87
C ALA A 66 -5.83 5.55 5.36
N LEU A 67 -6.06 4.49 6.12
CA LEU A 67 -7.33 4.23 6.77
C LEU A 67 -7.29 4.68 8.22
N ARG A 68 -8.49 4.86 8.80
CA ARG A 68 -8.58 5.23 10.20
C ARG A 68 -7.90 4.18 11.09
N SER A 69 -7.82 2.93 10.63
CA SER A 69 -7.19 1.85 11.38
C SER A 69 -5.67 1.88 11.33
N LEU A 70 -5.05 2.84 10.64
CA LEU A 70 -3.58 2.91 10.60
C LEU A 70 -3.02 2.93 12.02
N ASN A 71 -2.01 2.10 12.25
CA ASN A 71 -1.33 2.03 13.54
C ASN A 71 0.19 2.04 13.41
N ASP A 72 0.73 2.16 12.20
CA ASP A 72 2.17 2.19 11.97
C ASP A 72 2.45 3.12 10.79
N ILE A 73 3.58 3.80 10.84
CA ILE A 73 4.01 4.74 9.81
C ILE A 73 5.17 4.09 9.04
N ASP A 74 5.04 3.97 7.72
CA ASP A 74 6.06 3.32 6.89
C ASP A 74 7.13 4.29 6.39
N VAL A 75 8.40 3.97 6.62
CA VAL A 75 9.48 4.68 5.97
C VAL A 75 10.51 3.67 5.44
N ALA A 76 11.11 3.99 4.30
CA ALA A 76 12.25 3.24 3.78
C ALA A 76 13.53 3.99 4.13
N VAL A 77 14.57 3.24 4.54
CA VAL A 77 15.87 3.84 4.83
C VAL A 77 16.91 3.23 3.91
N TYR A 78 17.63 4.09 3.22
CA TYR A 78 18.61 3.71 2.22
C TYR A 78 19.97 3.53 2.89
N ILE A 79 20.58 2.35 2.67
CA ILE A 79 21.79 1.92 3.36
C ILE A 79 22.89 1.70 2.32
N SER A 80 24.04 2.34 2.53
CA SER A 80 25.15 2.22 1.60
C SER A 80 26.40 1.80 2.35
N GLY A 81 27.30 1.12 1.63
CA GLY A 81 28.64 0.88 2.11
C GLY A 81 28.95 -0.59 2.33
N SER A 82 30.25 -0.86 2.49
CA SER A 82 30.75 -2.22 2.58
C SER A 82 30.39 -2.89 3.90
N ASP A 83 30.22 -2.10 4.97
CA ASP A 83 29.97 -2.68 6.28
C ASP A 83 28.69 -3.49 6.34
N ALA A 84 27.69 -3.13 5.58
CA ALA A 84 26.35 -3.70 5.78
C ALA A 84 26.33 -5.16 5.34
N PRO A 85 25.89 -6.08 6.20
CA PRO A 85 25.72 -7.47 5.75
C PRO A 85 24.68 -7.59 4.64
N GLN A 86 24.85 -8.61 3.79
CA GLN A 86 23.87 -8.94 2.77
C GLN A 86 22.81 -9.90 3.29
N ASP A 87 23.08 -10.59 4.39
CA ASP A 87 22.13 -11.47 5.04
C ASP A 87 20.99 -10.67 5.69
N LEU A 88 19.78 -11.24 5.67
CA LEU A 88 18.60 -10.51 6.10
C LEU A 88 18.67 -10.18 7.60
N ARG A 89 18.93 -11.20 8.43
CA ARG A 89 18.98 -10.99 9.88
C ARG A 89 20.09 -10.01 10.23
N GLY A 90 21.28 -10.21 9.64
CA GLY A 90 22.38 -9.30 9.91
C GLY A 90 22.10 -7.88 9.48
N LEU A 91 21.41 -7.70 8.35
CA LEU A 91 21.13 -6.34 7.88
C LEU A 91 20.18 -5.63 8.83
N LEU A 92 19.15 -6.33 9.33
CA LEU A 92 18.22 -5.67 10.23
C LEU A 92 18.90 -5.30 11.56
N ASP A 93 19.79 -6.17 12.06
CA ASP A 93 20.53 -5.83 13.27
C ASP A 93 21.44 -4.63 13.01
N TYR A 94 22.09 -4.61 11.85
CA TYR A 94 22.94 -3.48 11.47
C TYR A 94 22.15 -2.18 11.37
N LEU A 95 20.97 -2.23 10.72
CA LEU A 95 20.13 -1.04 10.64
C LEU A 95 19.74 -0.54 12.04
N ALA A 96 19.30 -1.44 12.91
CA ALA A 96 18.91 -1.01 14.25
C ALA A 96 20.06 -0.32 14.97
N ASP A 97 21.27 -0.86 14.83
CA ASP A 97 22.42 -0.26 15.50
C ASP A 97 22.70 1.13 14.95
N ARG A 98 22.62 1.30 13.62
CA ARG A 98 22.84 2.62 13.04
C ARG A 98 21.75 3.61 13.46
N LEU A 99 20.51 3.13 13.55
CA LEU A 99 19.43 4.02 13.98
C LEU A 99 19.65 4.53 15.40
N ARG A 100 20.17 3.67 16.30
CA ARG A 100 20.44 4.11 17.66
C ARG A 100 21.53 5.17 17.69
N LYS A 101 22.51 5.06 16.79
CA LYS A 101 23.59 6.03 16.75
C LYS A 101 23.11 7.38 16.23
N ALA A 102 22.21 7.36 15.24
CA ALA A 102 21.68 8.61 14.70
C ALA A 102 20.63 9.22 15.60
N PHE A 103 19.92 8.41 16.39
CA PHE A 103 18.87 8.87 17.29
C PHE A 103 19.30 8.56 18.73
N PRO A 104 20.32 9.27 19.23
CA PRO A 104 20.86 8.93 20.57
C PRO A 104 19.90 9.21 21.71
N ASN A 105 18.90 10.09 21.52
CA ASN A 105 17.97 10.39 22.60
C ASN A 105 17.00 9.24 22.86
N PHE A 106 16.82 8.34 21.90
CA PHE A 106 15.94 7.20 22.10
C PHE A 106 16.59 6.17 23.03
N SER A 107 15.80 5.61 23.93
CA SER A 107 16.28 4.44 24.67
C SER A 107 16.59 3.33 23.68
N PRO A 108 17.69 2.60 23.86
CA PRO A 108 17.99 1.51 22.92
C PRO A 108 16.83 0.58 22.63
N ASP A 109 16.01 0.26 23.65
CA ASP A 109 14.92 -0.69 23.42
C ASP A 109 13.78 -0.08 22.61
N GLN A 110 13.84 1.20 22.27
CA GLN A 110 12.85 1.78 21.37
C GLN A 110 13.11 1.44 19.92
N VAL A 111 14.25 0.84 19.59
CA VAL A 111 14.56 0.35 18.25
C VAL A 111 14.56 -1.18 18.31
N LYS A 112 13.63 -1.81 17.60
CA LYS A 112 13.41 -3.25 17.71
C LYS A 112 13.40 -3.93 16.36
N PRO A 113 14.38 -4.75 16.02
CA PRO A 113 14.30 -5.54 14.78
C PRO A 113 13.11 -6.50 14.80
N GLN A 114 12.42 -6.58 13.66
CA GLN A 114 11.31 -7.49 13.41
C GLN A 114 11.73 -8.48 12.32
N THR A 115 10.75 -9.19 11.75
CA THR A 115 11.10 -10.24 10.80
C THR A 115 11.74 -9.68 9.54
N TYR A 116 11.17 -8.59 9.00
CA TYR A 116 11.64 -8.03 7.74
C TYR A 116 11.85 -6.51 7.82
N SER A 117 11.83 -5.94 9.03
CA SER A 117 11.87 -4.50 9.21
C SER A 117 12.40 -4.20 10.60
N VAL A 118 12.57 -2.91 10.89
CA VAL A 118 12.94 -2.45 12.23
C VAL A 118 11.89 -1.46 12.70
N THR A 119 11.34 -1.70 13.89
CA THR A 119 10.39 -0.79 14.50
C THR A 119 11.12 0.26 15.34
N VAL A 120 10.68 1.51 15.22
CA VAL A 120 11.03 2.56 16.16
C VAL A 120 9.76 2.87 16.92
N SER A 121 9.74 2.55 18.21
CA SER A 121 8.55 2.70 19.03
C SER A 121 8.60 4.04 19.75
N PHE A 122 7.50 4.77 19.69
CA PHE A 122 7.38 6.05 20.37
C PHE A 122 6.63 5.95 21.69
N ARG A 123 6.08 4.78 22.01
CA ARG A 123 5.53 4.50 23.34
C ARG A 123 4.34 5.43 23.64
N GLY A 124 3.43 5.52 22.68
CA GLY A 124 2.22 6.30 22.82
C GLY A 124 2.33 7.73 22.37
N SER A 125 3.52 8.35 22.49
CA SER A 125 3.72 9.72 22.03
C SER A 125 3.95 9.72 20.51
N GLY A 126 2.94 9.23 19.80
CA GLY A 126 3.05 9.02 18.37
C GLY A 126 3.04 7.54 18.04
N LEU A 127 2.80 7.25 16.76
CA LEU A 127 2.69 5.88 16.30
C LEU A 127 4.08 5.27 16.13
N ASP A 128 4.13 3.94 16.19
CA ASP A 128 5.37 3.25 15.85
C ASP A 128 5.70 3.51 14.39
N VAL A 129 6.99 3.64 14.09
CA VAL A 129 7.48 3.79 12.72
C VAL A 129 8.09 2.46 12.31
N ASP A 130 7.68 1.95 11.15
CA ASP A 130 8.19 0.69 10.62
C ASP A 130 9.19 1.01 9.50
N ILE A 131 10.46 0.67 9.71
CA ILE A 131 11.54 1.06 8.82
C ILE A 131 11.97 -0.17 8.03
N VAL A 132 11.90 -0.06 6.71
CA VAL A 132 12.31 -1.14 5.81
C VAL A 132 13.61 -0.72 5.15
N PRO A 133 14.65 -1.55 5.17
CA PRO A 133 15.89 -1.15 4.53
C PRO A 133 15.83 -1.32 3.02
N VAL A 134 16.58 -0.45 2.36
CA VAL A 134 16.86 -0.51 0.94
C VAL A 134 18.38 -0.46 0.81
N LEU A 135 18.97 -1.54 0.28
CA LEU A 135 20.38 -1.49 -0.03
C LEU A 135 20.59 -0.63 -1.28
N TYR A 136 21.41 0.41 -1.13
CA TYR A 136 21.56 1.45 -2.14
C TYR A 136 23.00 1.56 -2.56
N SER A 137 23.26 1.58 -3.87
CA SER A 137 24.60 1.77 -4.40
C SER A 137 24.65 2.81 -5.52
N GLY A 138 23.65 3.66 -5.65
CA GLY A 138 23.68 4.75 -6.60
C GLY A 138 22.99 4.54 -7.92
N LEU A 139 22.19 3.46 -8.08
CA LEU A 139 21.45 3.24 -9.30
C LEU A 139 20.48 4.40 -9.54
N PRO A 140 20.11 4.65 -10.80
CA PRO A 140 19.22 5.78 -11.11
C PRO A 140 17.93 5.78 -10.32
N ASP A 141 17.38 6.98 -10.12
CA ASP A 141 16.06 7.16 -9.54
C ASP A 141 15.95 6.57 -8.14
N TRP A 142 17.07 6.54 -7.42
CA TRP A 142 17.13 5.97 -6.07
C TRP A 142 16.58 4.54 -6.06
N ARG A 143 16.83 3.84 -7.15
CA ARG A 143 16.62 2.40 -7.18
C ARG A 143 17.56 1.71 -6.20
N GLY A 144 17.08 0.63 -5.61
CA GLY A 144 17.89 -0.20 -4.74
C GLY A 144 17.09 -1.43 -4.37
N HIS A 145 17.69 -2.27 -3.53
CA HIS A 145 17.06 -3.53 -3.17
C HIS A 145 16.28 -3.36 -1.87
N LEU A 146 14.97 -3.27 -2.01
CA LEU A 146 14.01 -3.18 -0.93
C LEU A 146 13.71 -4.56 -0.39
N ILE A 147 13.58 -4.68 0.92
CA ILE A 147 13.24 -5.96 1.52
C ILE A 147 11.73 -6.17 1.46
N SER A 148 11.33 -7.28 0.85
CA SER A 148 9.92 -7.62 0.82
C SER A 148 9.40 -7.89 2.22
N GLN A 149 8.22 -7.34 2.52
CA GLN A 149 7.57 -7.61 3.80
C GLN A 149 6.71 -8.87 3.75
N GLU A 150 6.70 -9.57 2.62
CA GLU A 150 6.03 -10.85 2.51
C GLU A 150 6.98 -12.01 2.82
N ASP A 151 8.20 -11.97 2.26
CA ASP A 151 9.11 -13.10 2.42
C ASP A 151 10.57 -12.69 2.56
N GLY A 152 10.86 -11.41 2.71
CA GLY A 152 12.23 -10.99 2.91
C GLY A 152 13.10 -10.98 1.67
N SER A 153 12.54 -11.31 0.51
CA SER A 153 13.27 -11.23 -0.74
C SER A 153 13.74 -9.81 -1.02
N PHE A 154 14.91 -9.70 -1.63
CA PHE A 154 15.44 -8.41 -2.04
C PHE A 154 14.88 -8.04 -3.41
N LEU A 155 14.14 -6.93 -3.46
CA LEU A 155 13.45 -6.51 -4.69
C LEU A 155 14.03 -5.20 -5.18
N GLU A 156 14.57 -5.21 -6.40
CA GLU A 156 15.15 -4.00 -6.97
C GLU A 156 14.01 -3.12 -7.51
N THR A 157 13.84 -1.95 -6.93
CA THR A 157 12.75 -1.08 -7.32
C THR A 157 13.04 0.34 -6.83
N SER A 158 12.14 1.25 -7.16
CA SER A 158 12.32 2.68 -6.84
C SER A 158 11.08 3.18 -6.14
N ILE A 159 11.21 3.50 -4.86
CA ILE A 159 10.09 4.11 -4.12
C ILE A 159 9.76 5.48 -4.70
N PRO A 160 10.74 6.35 -5.00
CA PRO A 160 10.37 7.64 -5.62
C PRO A 160 9.53 7.49 -6.87
N LEU A 161 9.85 6.52 -7.72
CA LEU A 161 9.04 6.35 -8.93
C LEU A 161 7.66 5.78 -8.62
N HIS A 162 7.53 4.94 -7.59
CA HIS A 162 6.20 4.48 -7.18
C HIS A 162 5.35 5.66 -6.73
N LEU A 163 5.93 6.57 -5.95
CA LEU A 163 5.18 7.72 -5.49
C LEU A 163 4.80 8.62 -6.65
N ASP A 164 5.71 8.77 -7.64
CA ASP A 164 5.34 9.50 -8.86
C ASP A 164 4.18 8.82 -9.59
N PHE A 165 4.21 7.49 -9.66
CA PHE A 165 3.18 6.72 -10.33
C PHE A 165 1.82 7.00 -9.69
N ILE A 166 1.75 6.94 -8.37
CA ILE A 166 0.51 7.19 -7.63
C ILE A 166 0.08 8.64 -7.79
N LYS A 167 1.03 9.58 -7.67
CA LYS A 167 0.70 10.98 -7.90
C LYS A 167 0.00 11.17 -9.24
N ALA A 168 0.51 10.53 -10.29
CA ALA A 168 -0.06 10.74 -11.62
C ALA A 168 -1.53 10.34 -11.65
N ARG A 169 -1.89 9.22 -11.00
CA ARG A 169 -3.29 8.79 -11.01
C ARG A 169 -4.15 9.68 -10.13
N LYS A 170 -3.58 10.18 -9.02
CA LYS A 170 -4.33 11.12 -8.19
C LYS A 170 -4.56 12.44 -8.91
N ARG A 171 -3.61 12.87 -9.77
CA ARG A 171 -3.85 14.08 -10.56
C ARG A 171 -4.86 13.84 -11.67
N ALA A 172 -4.93 12.61 -12.17
CA ALA A 172 -5.90 12.29 -13.21
C ALA A 172 -7.31 12.22 -12.65
N ALA A 173 -7.45 11.82 -11.39
CA ALA A 173 -8.75 11.74 -10.72
C ALA A 173 -8.62 12.25 -9.29
N PRO A 174 -8.55 13.57 -9.12
CA PRO A 174 -8.36 14.12 -7.77
C PRO A 174 -9.46 13.71 -6.82
N LYS A 175 -9.06 13.36 -5.61
CA LYS A 175 -9.92 12.84 -4.55
C LYS A 175 -10.36 11.42 -4.83
N HIS A 176 -10.88 11.17 -6.03
CA HIS A 176 -11.62 9.93 -6.29
C HIS A 176 -10.72 8.71 -6.39
N PHE A 177 -9.57 8.83 -7.03
CA PHE A 177 -8.69 7.65 -7.10
C PHE A 177 -8.31 7.20 -5.69
N ALA A 178 -7.82 8.12 -4.85
CA ALA A 178 -7.43 7.73 -3.50
C ALA A 178 -8.61 7.21 -2.71
N GLN A 179 -9.80 7.77 -2.92
CA GLN A 179 -10.97 7.31 -2.17
C GLN A 179 -11.35 5.90 -2.54
N VAL A 180 -11.38 5.58 -3.84
CA VAL A 180 -11.70 4.21 -4.24
C VAL A 180 -10.64 3.22 -3.76
N VAL A 181 -9.37 3.61 -3.80
CA VAL A 181 -8.34 2.73 -3.22
C VAL A 181 -8.68 2.44 -1.77
N ARG A 182 -9.03 3.49 -0.99
CA ARG A 182 -9.32 3.30 0.42
C ARG A 182 -10.52 2.39 0.63
N LEU A 183 -11.59 2.60 -0.14
CA LEU A 183 -12.76 1.73 -0.02
C LEU A 183 -12.43 0.28 -0.35
N ALA A 184 -11.64 0.05 -1.40
CA ALA A 184 -11.26 -1.32 -1.75
C ALA A 184 -10.37 -1.95 -0.68
N LYS A 185 -9.44 -1.17 -0.11
CA LYS A 185 -8.63 -1.66 1.01
C LYS A 185 -9.50 -2.01 2.22
N TYR A 186 -10.53 -1.20 2.51
CA TYR A 186 -11.39 -1.47 3.64
C TYR A 186 -12.16 -2.77 3.43
N TRP A 187 -12.71 -2.96 2.22
CA TRP A 187 -13.33 -4.23 1.86
C TRP A 187 -12.36 -5.40 2.02
N ALA A 188 -11.12 -5.24 1.53
CA ALA A 188 -10.17 -6.35 1.59
C ALA A 188 -9.86 -6.73 3.04
N ARG A 189 -9.78 -5.73 3.94
CA ARG A 189 -9.55 -6.02 5.35
C ARG A 189 -10.66 -6.88 5.93
N LEU A 190 -11.90 -6.57 5.60
CA LEU A 190 -13.01 -7.38 6.06
C LEU A 190 -12.94 -8.78 5.49
N MET A 191 -12.64 -8.90 4.19
CA MET A 191 -12.59 -10.23 3.58
C MET A 191 -11.49 -11.09 4.16
N LYS A 192 -10.37 -10.48 4.60
CA LYS A 192 -9.31 -11.28 5.21
C LYS A 192 -9.78 -11.95 6.49
N GLN A 193 -10.70 -11.32 7.21
CA GLN A 193 -11.27 -11.88 8.42
C GLN A 193 -12.36 -12.92 8.14
N GLU A 194 -13.01 -12.84 6.99
CA GLU A 194 -14.20 -13.64 6.73
C GLU A 194 -14.00 -14.78 5.75
N ARG A 195 -13.04 -14.69 4.84
CA ARG A 195 -12.92 -15.63 3.72
C ARG A 195 -11.67 -16.49 3.83
N PRO A 196 -11.76 -17.82 3.85
CA PRO A 196 -10.54 -18.63 3.90
C PRO A 196 -9.65 -18.35 2.70
N ASN A 197 -8.35 -18.27 2.96
CA ASN A 197 -7.30 -18.09 1.97
C ASN A 197 -7.34 -16.75 1.23
N PHE A 198 -8.08 -15.78 1.73
CA PHE A 198 -8.12 -14.45 1.12
C PHE A 198 -6.90 -13.65 1.52
N ARG A 199 -6.21 -13.10 0.53
CA ARG A 199 -5.04 -12.22 0.66
C ARG A 199 -5.17 -11.17 -0.44
N PHE A 200 -4.83 -9.90 -0.15
CA PHE A 200 -4.91 -8.87 -1.19
C PHE A 200 -4.08 -7.67 -0.73
N LYS A 201 -2.82 -7.63 -1.18
CA LYS A 201 -1.89 -6.58 -0.79
C LYS A 201 -2.36 -5.22 -1.28
N SER A 202 -2.14 -4.19 -0.47
CA SER A 202 -2.60 -2.85 -0.85
C SER A 202 -1.95 -2.35 -2.13
N PHE A 203 -0.64 -2.58 -2.31
CA PHE A 203 -0.01 -2.13 -3.56
C PHE A 203 -0.63 -2.82 -4.78
N MET A 204 -1.09 -4.06 -4.63
CA MET A 204 -1.76 -4.73 -5.74
C MET A 204 -3.11 -4.11 -6.03
N ILE A 205 -3.87 -3.76 -4.99
CA ILE A 205 -5.14 -3.06 -5.16
C ILE A 205 -4.93 -1.75 -5.89
N GLU A 206 -3.88 -1.01 -5.52
CA GLU A 206 -3.60 0.27 -6.17
C GLU A 206 -3.26 0.08 -7.64
N LEU A 207 -2.43 -0.93 -7.96
CA LEU A 207 -2.03 -1.14 -9.36
C LEU A 207 -3.22 -1.57 -10.21
N ILE A 208 -4.08 -2.44 -9.67
CA ILE A 208 -5.26 -2.84 -10.43
C ILE A 208 -6.16 -1.63 -10.66
N LEU A 209 -6.39 -0.83 -9.61
CA LEU A 209 -7.24 0.36 -9.79
C LEU A 209 -6.58 1.38 -10.73
N ALA A 210 -5.26 1.51 -10.70
CA ALA A 210 -4.60 2.40 -11.63
C ALA A 210 -4.80 1.97 -13.08
N LYS A 211 -4.77 0.66 -13.34
CA LYS A 211 -5.04 0.18 -14.70
C LYS A 211 -6.46 0.52 -15.13
N LEU A 212 -7.44 0.36 -14.22
CA LEU A 212 -8.81 0.67 -14.57
C LEU A 212 -8.99 2.16 -14.84
N LEU A 213 -8.37 3.01 -14.03
CA LEU A 213 -8.42 4.45 -14.30
C LEU A 213 -7.78 4.77 -15.64
N ASP A 214 -6.59 4.22 -15.89
CA ASP A 214 -5.93 4.43 -17.18
C ASP A 214 -6.83 4.01 -18.34
N ASN A 215 -7.65 2.97 -18.14
CA ASN A 215 -8.49 2.43 -19.18
C ASN A 215 -9.78 3.21 -19.38
N GLY A 216 -10.05 4.23 -18.56
CA GLY A 216 -11.21 5.08 -18.75
C GLY A 216 -12.35 4.87 -17.79
N VAL A 217 -12.18 4.03 -16.78
CA VAL A 217 -13.21 3.87 -15.76
C VAL A 217 -13.42 5.19 -15.03
N ASP A 218 -14.67 5.56 -14.81
CA ASP A 218 -15.03 6.82 -14.16
C ASP A 218 -15.03 6.61 -12.65
N PHE A 219 -14.05 7.21 -11.97
CA PHE A 219 -13.94 7.04 -10.54
C PHE A 219 -14.81 8.02 -9.76
N SER A 220 -15.54 8.92 -10.44
CA SER A 220 -16.35 9.90 -9.72
C SER A 220 -17.66 9.35 -9.19
N ASN A 221 -18.02 8.11 -9.53
CA ASN A 221 -19.18 7.44 -8.96
C ASN A 221 -18.64 6.21 -8.24
N TYR A 222 -18.66 6.23 -6.90
CA TYR A 222 -17.95 5.17 -6.19
C TYR A 222 -18.64 3.80 -6.32
N PRO A 223 -19.96 3.69 -6.27
CA PRO A 223 -20.56 2.36 -6.55
C PRO A 223 -20.16 1.80 -7.90
N GLU A 224 -20.14 2.64 -8.94
CA GLU A 224 -19.79 2.18 -10.27
C GLU A 224 -18.31 1.84 -10.37
N ALA A 225 -17.46 2.61 -9.72
CA ALA A 225 -16.03 2.31 -9.75
C ALA A 225 -15.72 1.00 -9.02
N LEU A 226 -16.35 0.79 -7.86
CA LEU A 226 -16.18 -0.48 -7.17
C LEU A 226 -16.71 -1.63 -8.01
N GLN A 227 -17.84 -1.44 -8.69
CA GLN A 227 -18.36 -2.52 -9.52
C GLN A 227 -17.38 -2.83 -10.65
N ALA A 228 -16.70 -1.81 -11.19
CA ALA A 228 -15.72 -2.07 -12.25
C ALA A 228 -14.55 -2.88 -11.72
N PHE A 229 -14.11 -2.58 -10.49
CA PHE A 229 -13.03 -3.32 -9.83
C PHE A 229 -13.43 -4.77 -9.61
N PHE A 230 -14.60 -5.00 -8.99
CA PHE A 230 -15.01 -6.37 -8.70
C PHE A 230 -15.27 -7.13 -9.98
N SER A 231 -15.86 -6.45 -10.97
CA SER A 231 -16.15 -7.15 -12.23
C SER A 231 -14.87 -7.47 -12.99
N TYR A 232 -13.84 -6.63 -12.89
CA TYR A 232 -12.55 -6.93 -13.50
C TYR A 232 -11.97 -8.22 -12.91
N LEU A 233 -12.02 -8.35 -11.58
CA LEU A 233 -11.50 -9.55 -10.92
C LEU A 233 -12.26 -10.81 -11.36
N VAL A 234 -13.59 -10.74 -11.41
CA VAL A 234 -14.38 -11.92 -11.76
C VAL A 234 -14.17 -12.29 -13.22
N SER A 235 -14.19 -11.29 -14.11
CA SER A 235 -14.09 -11.59 -15.53
C SER A 235 -12.70 -12.09 -15.92
N THR A 236 -11.64 -11.43 -15.44
CA THR A 236 -10.30 -11.89 -15.78
C THR A 236 -9.85 -13.10 -14.95
N GLU A 237 -10.44 -13.31 -13.78
CA GLU A 237 -9.99 -14.36 -12.85
C GLU A 237 -8.52 -14.17 -12.49
N LEU A 238 -8.04 -12.93 -12.56
CA LEU A 238 -6.66 -12.56 -12.23
C LEU A 238 -5.63 -13.30 -13.09
N ARG A 239 -6.04 -13.76 -14.27
CA ARG A 239 -5.14 -14.43 -15.19
C ARG A 239 -4.66 -13.52 -16.31
N GLU A 240 -5.05 -12.24 -16.30
CA GLU A 240 -4.63 -11.27 -17.29
C GLU A 240 -3.47 -10.47 -16.71
N ARG A 241 -2.37 -10.40 -17.45
CA ARG A 241 -1.20 -9.67 -16.97
C ARG A 241 -1.48 -8.17 -16.93
N ILE A 242 -1.07 -7.53 -15.83
CA ILE A 242 -1.21 -6.09 -15.67
C ILE A 242 0.18 -5.48 -15.77
N VAL A 243 0.37 -4.60 -16.74
CA VAL A 243 1.68 -3.99 -16.96
C VAL A 243 1.46 -2.55 -17.42
N PHE A 244 2.36 -1.68 -16.98
CA PHE A 244 2.29 -0.25 -17.26
C PHE A 244 3.49 0.17 -18.08
N GLU A 245 3.31 1.21 -18.89
CA GLU A 245 4.35 1.72 -19.77
C GLU A 245 4.92 3.04 -19.27
N ASP A 246 4.67 3.41 -18.02
CA ASP A 246 5.21 4.65 -17.48
C ASP A 246 6.72 4.75 -17.64
N ASN A 247 7.44 3.66 -17.36
CA ASN A 247 8.89 3.68 -17.29
C ASN A 247 9.58 2.77 -18.30
N TYR A 248 8.87 1.87 -18.96
CA TYR A 248 9.47 1.00 -19.96
C TYR A 248 8.38 0.53 -20.91
N PRO A 249 8.73 0.14 -22.14
CA PRO A 249 7.72 -0.34 -23.08
C PRO A 249 7.40 -1.81 -22.86
N ALA A 250 6.25 -2.22 -23.43
CA ALA A 250 5.81 -3.59 -23.26
C ALA A 250 6.82 -4.61 -23.80
N SER A 251 7.63 -4.22 -24.79
CA SER A 251 8.64 -5.16 -25.28
C SER A 251 9.63 -5.56 -24.19
N LYS A 252 9.80 -4.70 -23.17
CA LYS A 252 10.83 -4.91 -22.17
C LYS A 252 10.38 -5.80 -21.02
N ILE A 253 9.09 -6.14 -20.93
CA ILE A 253 8.65 -6.97 -19.82
C ILE A 253 9.21 -8.37 -20.00
N GLY A 254 9.80 -8.90 -18.93
CA GLY A 254 10.30 -10.25 -18.98
C GLY A 254 9.15 -11.24 -18.84
N THR A 255 9.26 -12.34 -19.56
CA THR A 255 8.26 -13.39 -19.43
C THR A 255 8.43 -14.07 -18.07
N LEU A 256 7.31 -14.42 -17.47
CA LEU A 256 7.26 -15.07 -16.18
C LEU A 256 6.29 -16.23 -16.27
N SER A 257 6.52 -17.24 -15.45
CA SER A 257 5.61 -18.37 -15.34
C SER A 257 4.63 -18.23 -14.20
N ASP A 258 4.64 -17.10 -13.49
CA ASP A 258 3.79 -16.92 -12.33
C ASP A 258 2.31 -16.93 -12.69
N LEU A 259 1.51 -17.47 -11.77
CA LEU A 259 0.07 -17.58 -12.00
C LEU A 259 -0.57 -16.21 -12.19
N VAL A 260 -0.28 -15.28 -11.27
CA VAL A 260 -0.83 -13.93 -11.33
C VAL A 260 0.33 -13.00 -11.62
N GLN A 261 0.14 -12.08 -12.57
CA GLN A 261 1.22 -11.20 -13.00
C GLN A 261 0.74 -9.76 -12.97
N ILE A 262 1.21 -9.01 -11.98
CA ILE A 262 0.92 -7.60 -11.83
C ILE A 262 2.30 -6.97 -11.67
N ILE A 263 2.83 -6.40 -12.74
CA ILE A 263 4.26 -6.11 -12.83
C ILE A 263 4.58 -4.72 -12.26
N ASP A 264 5.59 -4.67 -11.40
CA ASP A 264 6.14 -3.43 -10.87
C ASP A 264 6.34 -2.41 -12.00
N PRO A 265 5.73 -1.22 -11.92
CA PRO A 265 5.94 -0.23 -12.99
C PRO A 265 7.37 0.27 -13.12
N VAL A 266 8.24 -0.01 -12.16
CA VAL A 266 9.66 0.41 -12.25
C VAL A 266 10.52 -0.68 -12.83
N ASN A 267 10.32 -1.92 -12.41
CA ASN A 267 11.21 -3.04 -12.75
C ASN A 267 10.42 -4.12 -13.44
N PRO A 268 10.66 -4.36 -14.74
CA PRO A 268 9.81 -5.29 -15.50
C PRO A 268 9.96 -6.75 -15.11
N VAL A 269 10.97 -7.12 -14.32
CA VAL A 269 11.12 -8.51 -13.89
C VAL A 269 10.59 -8.73 -12.48
N ASN A 270 10.06 -7.69 -11.83
CA ASN A 270 9.54 -7.82 -10.47
C ASN A 270 8.02 -7.90 -10.53
N ASN A 271 7.48 -9.09 -10.25
CA ASN A 271 6.04 -9.32 -10.24
C ASN A 271 5.51 -9.13 -8.83
N VAL A 272 4.71 -8.07 -8.62
CA VAL A 272 4.15 -7.78 -7.30
C VAL A 272 3.27 -8.91 -6.80
N ALA A 273 2.72 -9.73 -7.71
CA ALA A 273 1.78 -10.79 -7.34
C ALA A 273 2.45 -12.17 -7.35
N ARG A 274 3.77 -12.22 -7.22
CA ARG A 274 4.50 -13.47 -7.44
C ARG A 274 4.13 -14.56 -6.43
N LEU A 275 3.68 -14.18 -5.24
CA LEU A 275 3.42 -15.17 -4.20
C LEU A 275 1.95 -15.59 -4.16
N TYR A 276 1.11 -15.08 -5.05
CA TYR A 276 -0.31 -15.43 -5.03
C TYR A 276 -0.54 -16.79 -5.67
N THR A 277 -1.27 -17.64 -4.94
CA THR A 277 -1.58 -19.00 -5.34
C THR A 277 -2.99 -19.08 -5.93
N GLN A 278 -3.30 -20.22 -6.55
CA GLN A 278 -4.65 -20.39 -7.03
C GLN A 278 -5.66 -20.35 -5.90
N SER A 279 -5.29 -20.86 -4.72
CA SER A 279 -6.17 -20.77 -3.56
C SER A 279 -6.48 -19.31 -3.23
N ASN A 280 -5.45 -18.46 -3.21
CA ASN A 280 -5.67 -17.03 -2.99
C ASN A 280 -6.59 -16.44 -4.06
N VAL A 281 -6.28 -16.74 -5.33
CA VAL A 281 -7.06 -16.20 -6.44
C VAL A 281 -8.53 -16.59 -6.32
N ASP A 282 -8.78 -17.88 -6.04
CA ASP A 282 -10.16 -18.33 -5.94
C ASP A 282 -10.91 -17.58 -4.84
N ALA A 283 -10.24 -17.32 -3.72
CA ALA A 283 -10.89 -16.59 -2.63
C ALA A 283 -11.19 -15.14 -3.03
N ILE A 284 -10.27 -14.51 -3.77
CA ILE A 284 -10.51 -13.14 -4.23
C ILE A 284 -11.68 -13.10 -5.20
N ILE A 285 -11.72 -14.06 -6.14
CA ILE A 285 -12.75 -14.06 -7.15
C ILE A 285 -14.13 -14.26 -6.52
N ASP A 286 -14.24 -15.24 -5.60
CA ASP A 286 -15.54 -15.47 -4.96
C ASP A 286 -15.97 -14.24 -4.18
N ALA A 287 -15.02 -13.60 -3.47
CA ALA A 287 -15.35 -12.41 -2.70
C ALA A 287 -15.75 -11.25 -3.60
N ALA A 288 -15.08 -11.10 -4.73
CA ALA A 288 -15.41 -10.01 -5.64
C ALA A 288 -16.74 -10.26 -6.31
N MET A 289 -17.02 -11.51 -6.69
CA MET A 289 -18.33 -11.81 -7.26
C MET A 289 -19.42 -11.47 -6.26
N ASP A 290 -19.25 -11.88 -5.00
CA ASP A 290 -20.27 -11.61 -3.99
C ASP A 290 -20.46 -10.11 -3.78
N ALA A 291 -19.35 -9.35 -3.76
CA ALA A 291 -19.45 -7.91 -3.55
C ALA A 291 -20.14 -7.23 -4.71
N GLY A 292 -19.74 -7.58 -5.93
CA GLY A 292 -20.38 -7.01 -7.10
C GLY A 292 -21.86 -7.33 -7.18
N ASP A 293 -22.20 -8.56 -6.80
CA ASP A 293 -23.61 -8.96 -6.80
C ASP A 293 -24.40 -8.18 -5.74
N ALA A 294 -23.75 -7.92 -4.60
CA ALA A 294 -24.42 -7.17 -3.54
C ALA A 294 -24.69 -5.74 -3.96
N ILE A 295 -23.73 -5.11 -4.66
CA ILE A 295 -23.92 -3.73 -5.09
C ILE A 295 -25.04 -3.64 -6.11
N ASP A 296 -25.10 -4.61 -7.04
CA ASP A 296 -26.18 -4.61 -8.02
C ASP A 296 -27.54 -4.79 -7.34
N ALA A 297 -27.62 -5.75 -6.40
CA ALA A 297 -28.88 -5.97 -5.71
C ALA A 297 -29.26 -4.74 -4.89
N ALA A 298 -28.27 -4.08 -4.28
CA ALA A 298 -28.58 -2.89 -3.50
C ALA A 298 -29.19 -1.82 -4.37
N PHE A 299 -28.65 -1.65 -5.59
CA PHE A 299 -29.18 -0.63 -6.48
C PHE A 299 -30.67 -0.82 -6.71
N TYR A 300 -31.11 -2.08 -6.83
CA TYR A 300 -32.49 -2.41 -7.16
C TYR A 300 -33.33 -2.76 -5.95
N ALA A 301 -32.78 -2.65 -4.75
CA ALA A 301 -33.55 -3.04 -3.56
C ALA A 301 -34.67 -2.03 -3.30
N PRO A 302 -35.89 -2.49 -3.02
CA PRO A 302 -37.01 -1.55 -2.91
C PRO A 302 -37.04 -0.69 -1.65
N THR A 303 -36.36 -1.08 -0.58
CA THR A 303 -36.38 -0.37 0.68
C THR A 303 -34.96 -0.02 1.11
N LYS A 304 -34.84 1.03 1.94
CA LYS A 304 -33.52 1.41 2.44
C LYS A 304 -32.93 0.31 3.31
N GLN A 305 -33.76 -0.34 4.13
CA GLN A 305 -33.25 -1.40 4.99
C GLN A 305 -32.61 -2.51 4.17
N LEU A 306 -33.29 -2.97 3.11
CA LEU A 306 -32.70 -4.00 2.26
C LEU A 306 -31.45 -3.49 1.56
N THR A 307 -31.46 -2.24 1.10
CA THR A 307 -30.28 -1.66 0.45
C THR A 307 -29.08 -1.66 1.39
N VAL A 308 -29.28 -1.28 2.64
CA VAL A 308 -28.19 -1.27 3.61
C VAL A 308 -27.68 -2.68 3.88
N THR A 309 -28.60 -3.64 4.02
CA THR A 309 -28.19 -5.02 4.25
C THR A 309 -27.24 -5.50 3.16
N TYR A 310 -27.54 -5.17 1.90
CA TYR A 310 -26.67 -5.60 0.81
C TYR A 310 -25.31 -4.92 0.90
N TRP A 311 -25.29 -3.61 1.20
CA TRP A 311 -23.99 -2.93 1.29
C TRP A 311 -23.16 -3.43 2.47
N GLN A 312 -23.83 -3.91 3.53
CA GLN A 312 -23.11 -4.48 4.66
C GLN A 312 -22.37 -5.76 4.28
N LYS A 313 -22.77 -6.41 3.19
CA LYS A 313 -21.98 -7.54 2.70
C LYS A 313 -20.62 -7.10 2.17
N VAL A 314 -20.53 -5.83 1.74
CA VAL A 314 -19.31 -5.29 1.18
C VAL A 314 -18.44 -4.66 2.27
N PHE A 315 -19.06 -3.87 3.14
CA PHE A 315 -18.35 -3.03 4.08
C PHE A 315 -18.60 -3.37 5.55
N GLY A 316 -19.44 -4.35 5.85
CA GLY A 316 -19.58 -4.77 7.22
C GLY A 316 -20.54 -3.90 8.03
N SER A 317 -20.56 -4.18 9.33
CA SER A 317 -21.59 -3.62 10.20
C SER A 317 -21.40 -2.13 10.43
N SER A 318 -20.22 -1.57 10.16
CA SER A 318 -20.05 -0.13 10.32
C SER A 318 -20.84 0.66 9.28
N PHE A 319 -21.29 0.03 8.21
CA PHE A 319 -22.11 0.70 7.21
C PHE A 319 -23.57 0.67 7.64
N GLN A 320 -24.13 1.85 7.89
CA GLN A 320 -25.51 1.99 8.35
C GLN A 320 -26.39 2.79 7.41
N GLY A 321 -25.84 3.30 6.30
CA GLY A 321 -26.65 3.99 5.31
C GLY A 321 -26.62 5.50 5.47
PG ATP B . -1.09 -0.57 3.93
O1G ATP B . -1.72 -1.87 3.54
O2G ATP B . 0.20 -0.76 4.71
O3G ATP B . -2.05 0.43 4.52
PB ATP B . 0.65 0.54 1.87
O1B ATP B . 0.42 1.55 0.78
O2B ATP B . 1.62 0.83 3.02
O3B ATP B . -0.76 0.11 2.51
PA ATP B . 2.09 -1.83 0.81
O1A ATP B . 1.29 -2.87 -0.04
O2A ATP B . 2.84 -2.16 2.01
O3A ATP B . 0.90 -0.80 1.08
O5' ATP B . 3.06 -1.04 -0.20
C5' ATP B . 3.92 -0.01 0.31
C4' ATP B . 4.99 0.32 -0.69
O4' ATP B . 6.00 -0.75 -0.72
C3' ATP B . 4.49 0.40 -2.15
O3' ATP B . 3.92 1.63 -2.48
C2' ATP B . 5.75 0.12 -2.96
O2' ATP B . 6.63 1.24 -3.02
C1' ATP B . 6.45 -0.93 -2.09
N9 ATP B . 6.13 -2.32 -2.41
C8 ATP B . 5.25 -3.11 -1.80
N7 ATP B . 5.25 -4.33 -2.38
C5 ATP B . 6.15 -4.30 -3.39
C6 ATP B . 6.68 -5.25 -4.38
N6 ATP B . 6.17 -6.50 -4.42
N1 ATP B . 7.62 -4.82 -5.25
C2 ATP B . 8.08 -3.56 -5.22
N3 ATP B . 7.68 -2.65 -4.30
C4 ATP B . 6.74 -2.97 -3.39
H5'1 ATP B . 4.38 -0.34 1.24
H5'2 ATP B . 3.34 0.89 0.52
H4' ATP B . 5.37 1.29 -0.35
H3' ATP B . 3.66 -0.30 -2.34
HO3' ATP B . 3.78 2.15 -1.67
H2' ATP B . 5.50 -0.17 -3.99
HO2' ATP B . 6.53 1.78 -2.21
H1' ATP B . 7.53 -0.76 -2.26
H8 ATP B . 4.64 -2.82 -0.95
HN61 ATP B . 6.49 -7.14 -5.10
HN62 ATP B . 5.47 -6.76 -3.75
H2 ATP B . 8.82 -3.27 -5.95
MG MG C . 1.97 0.21 4.77
CL CL D . 2.24 4.65 6.24
C1 MPD E . -24.82 -13.14 -11.37
C2 MPD E . -24.68 -14.19 -10.29
O2 MPD E . -23.22 -14.07 -9.89
CM MPD E . -25.61 -13.95 -9.15
C3 MPD E . -24.80 -15.52 -11.00
C4 MPD E . -24.55 -16.79 -10.18
O4 MPD E . -24.63 -18.04 -10.88
C5 MPD E . -23.18 -16.73 -9.58
H11 MPD E . -24.87 -13.62 -12.34
H12 MPD E . -23.96 -12.47 -11.35
H13 MPD E . -25.73 -12.56 -11.20
HO2 MPD E . -23.14 -14.10 -8.92
HM1 MPD E . -26.55 -14.48 -9.34
HM2 MPD E . -25.81 -12.88 -9.06
HM3 MPD E . -25.16 -14.33 -8.23
H31 MPD E . -25.81 -15.58 -11.42
H32 MPD E . -24.10 -15.51 -11.84
H4 MPD E . -25.36 -16.80 -9.44
HO4 MPD E . -24.82 -18.74 -10.22
H51 MPD E . -22.43 -16.75 -10.38
H52 MPD E . -23.03 -17.58 -8.91
H53 MPD E . -23.07 -15.80 -9.01
#